data_3CP9
#
_entry.id   3CP9
#
_cell.length_a   55.570
_cell.length_b   67.170
_cell.length_c   89.102
_cell.angle_alpha   90.00
_cell.angle_beta   93.076
_cell.angle_gamma   90.00
#
_symmetry.space_group_name_H-M   'P 1 21 1'
#
loop_
_entity.id
_entity.type
_entity.pdbx_description
1 polymer 'Vascular endothelial growth factor receptor 2'
2 non-polymer 3-(2-aminoquinazolin-6-yl)-1-(3,3-dimethylindolin-6-yl)-4-methylpyridin-2(1H)-one
3 water water
#
_entity_poly.entity_id   1
_entity_poly.type   'polypeptide(L)'
_entity_poly.pdbx_seq_one_letter_code
;EHAERLPYDASKWEFPRDRLKLGKPLGRGAFGQVIEADAFGIDKTATCRTVAVKMLKEGATHSEHRALMSELKILIHIGH
HLNVVNLLGACTKPGGPLMVITEFCKFGNLSTYLRSKRNEFVPYKVAPEDLYKDFLTLEHLICYSFQVAKGMEFLASRKC
IHRDLAARNILLSEKNVVKICDFGLARDI(PTR)KDPD(PTR)VRKGDARLPLKWMAPETIFDRVYTIQSDVWSFGVLLW
EIFSLGASPYPGVKIDEEFCRRLKEGTRMRAPDYTTPEMYQTMLDCWHGEPSQRPTFSELVEHLGNLLQANAQQDRHHHH
HH
;
_entity_poly.pdbx_strand_id   A,B
#
loop_
_chem_comp.id
_chem_comp.type
_chem_comp.name
_chem_comp.formula
C19 non-polymer 3-(2-aminoquinazolin-6-yl)-1-(3,3-dimethylindolin-6-yl)-4-methylpyridin-2(1H)-one 'C24 H23 N5 O'
#
# COMPACT_ATOMS: atom_id res chain seq x y z
N ALA A 3 9.11 31.90 2.77
CA ALA A 3 10.27 32.13 1.84
C ALA A 3 10.92 30.84 1.34
N GLU A 4 11.53 30.94 0.17
CA GLU A 4 12.24 29.85 -0.49
C GLU A 4 13.71 30.22 -0.43
N ARG A 5 13.95 31.43 0.06
CA ARG A 5 15.29 31.98 0.18
C ARG A 5 16.14 31.21 1.18
N LEU A 6 15.55 30.18 1.79
CA LEU A 6 16.25 29.35 2.75
C LEU A 6 17.39 28.62 2.03
N PRO A 7 18.47 28.31 2.76
CA PRO A 7 19.61 27.62 2.15
C PRO A 7 19.51 26.10 2.11
N TYR A 8 20.09 25.51 1.08
CA TYR A 8 20.15 24.06 0.95
C TYR A 8 21.62 23.64 0.99
N ASP A 9 22.02 22.98 2.08
CA ASP A 9 23.39 22.52 2.26
C ASP A 9 23.50 21.10 1.70
N ALA A 10 23.95 21.00 0.46
CA ALA A 10 24.08 19.72 -0.20
C ALA A 10 25.02 18.75 0.51
N SER A 11 26.15 19.25 0.99
CA SER A 11 27.13 18.40 1.68
C SER A 11 26.55 17.67 2.87
N LYS A 12 25.62 18.31 3.56
CA LYS A 12 25.01 17.70 4.72
C LYS A 12 23.81 16.81 4.42
N TRP A 13 22.93 17.25 3.53
CA TRP A 13 21.72 16.51 3.23
C TRP A 13 21.58 15.60 1.99
N GLU A 14 22.35 15.86 0.95
CA GLU A 14 22.23 15.06 -0.29
C GLU A 14 22.45 13.57 -0.11
N PHE A 15 21.59 12.76 -0.73
CA PHE A 15 21.65 11.29 -0.68
C PHE A 15 21.57 10.72 -2.11
N PRO A 16 22.44 9.76 -2.44
CA PRO A 16 22.46 9.15 -3.79
C PRO A 16 21.18 8.42 -4.13
N ARG A 17 20.56 8.78 -5.25
CA ARG A 17 19.33 8.13 -5.66
C ARG A 17 19.43 6.61 -5.79
N ASP A 18 20.57 6.09 -6.23
CA ASP A 18 20.64 4.64 -6.35
C ASP A 18 20.93 3.90 -5.05
N ARG A 19 20.75 4.60 -3.93
CA ARG A 19 20.93 3.99 -2.61
C ARG A 19 19.54 3.76 -2.02
N LEU A 20 18.50 4.04 -2.82
CA LEU A 20 17.11 3.85 -2.40
C LEU A 20 16.45 2.77 -3.25
N LYS A 21 15.52 2.03 -2.64
CA LYS A 21 14.76 1.01 -3.36
C LYS A 21 13.30 1.36 -3.05
N LEU A 22 12.66 2.03 -4.00
CA LEU A 22 11.28 2.45 -3.83
C LEU A 22 10.31 1.30 -3.58
N GLY A 23 9.41 1.50 -2.60
CA GLY A 23 8.42 0.48 -2.27
C GLY A 23 6.99 0.92 -2.58
N LYS A 24 6.04 0.44 -1.79
CA LYS A 24 4.62 0.75 -1.98
C LYS A 24 4.23 2.16 -1.52
N PRO A 25 3.16 2.71 -2.12
CA PRO A 25 2.57 4.04 -1.88
C PRO A 25 1.94 4.15 -0.48
N LEU A 26 2.04 5.32 0.15
CA LEU A 26 1.47 5.51 1.49
C LEU A 26 0.32 6.50 1.46
N GLN A 33 3.13 12.29 -4.56
CA GLN A 33 3.13 10.94 -4.01
C GLN A 33 4.15 10.72 -2.90
N VAL A 34 3.74 9.93 -1.91
CA VAL A 34 4.59 9.61 -0.77
C VAL A 34 4.78 8.10 -0.81
N ILE A 35 6.04 7.67 -0.86
CA ILE A 35 6.35 6.24 -0.95
C ILE A 35 7.22 5.76 0.20
N GLU A 36 7.12 4.46 0.49
CA GLU A 36 7.94 3.85 1.53
C GLU A 36 9.14 3.31 0.77
N ALA A 37 10.30 3.22 1.41
CA ALA A 37 11.45 2.71 0.69
C ALA A 37 12.58 2.26 1.58
N ASP A 38 13.50 1.50 1.00
CA ASP A 38 14.68 1.05 1.73
C ASP A 38 15.84 1.95 1.32
N ALA A 39 16.48 2.55 2.31
CA ALA A 39 17.62 3.44 2.07
C ALA A 39 18.86 2.81 2.66
N PHE A 40 19.91 2.71 1.85
CA PHE A 40 21.17 2.12 2.30
C PHE A 40 22.21 3.15 2.65
N GLY A 41 22.64 3.14 3.90
CA GLY A 41 23.67 4.06 4.35
C GLY A 41 23.24 5.50 4.61
N ILE A 42 21.94 5.75 4.67
CA ILE A 42 21.48 7.11 4.92
C ILE A 42 21.83 7.43 6.37
N ASP A 43 21.97 6.37 7.16
CA ASP A 43 22.31 6.46 8.58
C ASP A 43 23.69 5.87 8.79
N LYS A 44 24.45 6.46 9.71
CA LYS A 44 25.76 5.93 10.01
C LYS A 44 25.48 4.94 11.15
N THR A 45 24.19 4.78 11.44
CA THR A 45 23.70 3.89 12.49
C THR A 45 23.52 2.46 11.99
N ALA A 46 23.35 2.30 10.69
CA ALA A 46 23.19 0.97 10.10
C ALA A 46 23.51 0.99 8.62
N THR A 47 23.04 -0.02 7.89
CA THR A 47 23.28 -0.08 6.46
C THR A 47 21.97 0.01 5.66
N CYS A 48 20.89 -0.52 6.22
CA CYS A 48 19.61 -0.42 5.53
C CYS A 48 18.52 0.00 6.49
N ARG A 49 17.84 1.09 6.15
CA ARG A 49 16.78 1.62 6.99
C ARG A 49 15.51 1.94 6.19
N THR A 50 14.35 1.61 6.75
CA THR A 50 13.10 1.92 6.07
C THR A 50 12.86 3.42 6.23
N VAL A 51 12.40 4.05 5.16
CA VAL A 51 12.18 5.49 5.17
C VAL A 51 10.98 5.83 4.31
N ALA A 52 10.59 7.10 4.33
CA ALA A 52 9.47 7.56 3.52
C ALA A 52 9.99 8.60 2.56
N VAL A 53 9.44 8.60 1.36
CA VAL A 53 9.90 9.54 0.35
C VAL A 53 8.77 10.28 -0.32
N LYS A 54 8.92 11.59 -0.42
CA LYS A 54 7.92 12.39 -1.12
C LYS A 54 8.66 12.84 -2.37
N MET A 55 8.10 12.54 -3.54
CA MET A 55 8.74 12.91 -4.79
C MET A 55 7.78 13.48 -5.82
N LEU A 56 8.33 14.20 -6.78
CA LEU A 56 7.53 14.79 -7.84
C LEU A 56 7.19 13.75 -8.90
N LYS A 57 5.95 13.77 -9.38
CA LYS A 57 5.53 12.84 -10.41
C LYS A 57 6.43 13.07 -11.63
N GLU A 58 6.31 12.23 -12.66
CA GLU A 58 7.13 12.40 -13.84
C GLU A 58 6.74 13.62 -14.68
N GLY A 59 5.51 14.11 -14.48
CA GLY A 59 5.07 15.28 -15.20
C GLY A 59 5.60 16.54 -14.52
N ALA A 60 5.11 16.79 -13.32
CA ALA A 60 5.52 17.92 -12.48
C ALA A 60 5.88 19.24 -13.14
N THR A 61 5.10 20.27 -12.81
CA THR A 61 5.30 21.62 -13.32
C THR A 61 6.54 22.23 -12.67
N HIS A 62 7.01 23.35 -13.18
CA HIS A 62 8.18 24.00 -12.61
C HIS A 62 7.83 24.58 -11.24
N SER A 63 6.62 25.08 -11.10
CA SER A 63 6.17 25.65 -9.84
C SER A 63 5.95 24.55 -8.81
N GLU A 64 5.61 23.35 -9.29
CA GLU A 64 5.38 22.23 -8.38
C GLU A 64 6.71 21.78 -7.78
N HIS A 65 7.77 21.91 -8.59
CA HIS A 65 9.11 21.53 -8.17
C HIS A 65 9.54 22.52 -7.08
N ARG A 66 9.37 23.80 -7.35
CA ARG A 66 9.74 24.84 -6.42
C ARG A 66 9.03 24.64 -5.08
N ALA A 67 7.82 24.11 -5.13
CA ALA A 67 7.04 23.87 -3.92
C ALA A 67 7.66 22.77 -3.04
N LEU A 68 7.96 21.62 -3.64
CA LEU A 68 8.57 20.53 -2.88
C LEU A 68 9.93 20.98 -2.34
N MET A 69 10.66 21.77 -3.12
CA MET A 69 11.96 22.29 -2.68
C MET A 69 11.81 23.19 -1.46
N SER A 70 10.78 24.04 -1.46
CA SER A 70 10.57 24.95 -0.34
C SER A 70 10.17 24.19 0.92
N GLU A 71 9.54 23.04 0.73
CA GLU A 71 9.14 22.22 1.87
C GLU A 71 10.44 21.64 2.45
N LEU A 72 11.31 21.18 1.54
CA LEU A 72 12.59 20.61 1.93
C LEU A 72 13.41 21.61 2.73
N LYS A 73 13.49 22.84 2.22
CA LYS A 73 14.25 23.87 2.91
C LYS A 73 13.67 24.19 4.29
N ILE A 74 12.34 24.22 4.39
CA ILE A 74 11.69 24.48 5.67
C ILE A 74 12.00 23.37 6.65
N LEU A 75 12.03 22.14 6.16
CA LEU A 75 12.34 21.01 7.05
C LEU A 75 13.75 21.16 7.60
N ILE A 76 14.68 21.59 6.74
CA ILE A 76 16.06 21.79 7.15
C ILE A 76 16.13 22.90 8.18
N HIS A 77 15.56 24.05 7.83
CA HIS A 77 15.56 25.21 8.70
C HIS A 77 14.96 24.92 10.09
N ILE A 78 13.75 24.38 10.13
CA ILE A 78 13.09 24.09 11.41
C ILE A 78 13.94 23.27 12.36
N GLY A 79 14.51 22.18 11.88
CA GLY A 79 15.32 21.36 12.74
C GLY A 79 14.60 20.12 13.26
N HIS A 80 15.28 19.38 14.12
CA HIS A 80 14.77 18.15 14.70
C HIS A 80 13.93 18.28 15.97
N HIS A 81 12.87 17.48 16.05
CA HIS A 81 12.01 17.41 17.24
C HIS A 81 11.40 16.03 17.24
N LEU A 82 11.43 15.38 18.39
CA LEU A 82 10.91 14.04 18.50
C LEU A 82 9.47 13.88 18.03
N ASN A 83 8.68 14.94 18.11
CA ASN A 83 7.28 14.86 17.71
C ASN A 83 6.92 15.38 16.31
N VAL A 84 7.92 15.48 15.46
CA VAL A 84 7.70 15.94 14.08
C VAL A 84 8.45 14.98 13.18
N VAL A 85 7.86 14.56 12.07
CA VAL A 85 8.55 13.67 11.17
C VAL A 85 9.88 14.33 10.84
N ASN A 86 10.98 13.65 11.15
CA ASN A 86 12.32 14.18 10.93
C ASN A 86 12.92 13.87 9.57
N LEU A 87 13.51 14.90 8.97
CA LEU A 87 14.14 14.80 7.65
C LEU A 87 15.44 14.01 7.77
N LEU A 88 15.66 13.09 6.83
CA LEU A 88 16.88 12.28 6.82
C LEU A 88 17.83 12.68 5.67
N GLY A 89 17.26 13.06 4.53
CA GLY A 89 18.09 13.45 3.40
C GLY A 89 17.30 13.91 2.19
N ALA A 90 17.98 14.02 1.05
CA ALA A 90 17.31 14.45 -0.16
C ALA A 90 18.11 14.18 -1.44
N CYS A 91 17.37 14.10 -2.54
CA CYS A 91 17.96 13.89 -3.85
C CYS A 91 17.51 15.13 -4.58
N THR A 92 18.43 16.06 -4.83
CA THR A 92 18.09 17.30 -5.52
C THR A 92 18.98 17.55 -6.74
N LYS A 93 20.18 17.00 -6.73
CA LYS A 93 21.09 17.20 -7.85
C LYS A 93 20.57 16.56 -9.12
N PRO A 94 20.97 17.07 -10.28
CA PRO A 94 20.52 16.53 -11.58
C PRO A 94 20.71 15.03 -11.72
N GLY A 95 19.90 14.43 -12.59
CA GLY A 95 20.03 13.00 -12.82
C GLY A 95 18.80 12.18 -12.49
N GLY A 96 17.86 12.77 -11.77
CA GLY A 96 16.64 12.08 -11.41
C GLY A 96 15.64 13.04 -10.82
N PRO A 97 14.47 12.56 -10.36
CA PRO A 97 13.44 13.42 -9.78
C PRO A 97 13.81 13.95 -8.40
N LEU A 98 13.25 15.12 -8.06
CA LEU A 98 13.48 15.70 -6.74
C LEU A 98 12.83 14.77 -5.72
N MET A 99 13.56 14.46 -4.65
CA MET A 99 13.04 13.56 -3.61
C MET A 99 13.38 14.05 -2.21
N VAL A 100 12.41 13.95 -1.30
CA VAL A 100 12.59 14.36 0.09
C VAL A 100 12.42 13.12 0.95
N ILE A 101 13.46 12.78 1.72
CA ILE A 101 13.47 11.57 2.54
C ILE A 101 13.37 11.82 4.04
N THR A 102 12.46 11.10 4.69
CA THR A 102 12.25 11.25 6.13
C THR A 102 12.15 9.91 6.82
N GLU A 103 12.02 9.94 8.14
CA GLU A 103 11.90 8.71 8.89
C GLU A 103 10.55 8.10 8.53
N PHE A 104 10.41 6.80 8.80
CA PHE A 104 9.19 6.07 8.50
C PHE A 104 8.45 5.75 9.80
N CYS A 105 7.14 5.90 9.79
CA CYS A 105 6.32 5.58 10.95
C CYS A 105 5.45 4.43 10.46
N LYS A 106 5.83 3.21 10.82
CA LYS A 106 5.12 2.02 10.37
C LYS A 106 3.66 1.84 10.76
N PHE A 107 3.24 2.37 11.91
CA PHE A 107 1.86 2.20 12.32
C PHE A 107 0.84 3.08 11.60
N GLY A 108 1.29 4.08 10.85
CA GLY A 108 0.35 4.91 10.09
C GLY A 108 -0.29 6.08 10.84
N ASN A 109 -1.29 6.68 10.22
CA ASN A 109 -1.98 7.81 10.82
C ASN A 109 -2.79 7.47 12.07
N LEU A 110 -2.77 8.40 13.04
CA LEU A 110 -3.44 8.23 14.33
C LEU A 110 -4.93 7.96 14.25
N SER A 111 -5.61 8.66 13.35
CA SER A 111 -7.05 8.47 13.18
C SER A 111 -7.37 6.98 12.95
N THR A 112 -6.79 6.41 11.91
CA THR A 112 -7.03 5.01 11.59
C THR A 112 -6.63 4.08 12.74
N TYR A 113 -5.52 4.37 13.42
CA TYR A 113 -5.06 3.54 14.53
C TYR A 113 -6.04 3.55 15.70
N LEU A 114 -6.60 4.72 16.01
CA LEU A 114 -7.56 4.84 17.10
C LEU A 114 -8.84 4.08 16.77
N ARG A 115 -9.25 4.17 15.51
CA ARG A 115 -10.44 3.50 15.02
C ARG A 115 -10.35 2.00 15.22
N SER A 116 -9.12 1.47 15.16
CA SER A 116 -8.91 0.04 15.31
C SER A 116 -8.76 -0.45 16.75
N LYS A 117 -8.83 0.45 17.73
CA LYS A 117 -8.67 0.04 19.12
C LYS A 117 -9.93 0.28 19.96
N ARG A 118 -11.06 0.46 19.30
CA ARG A 118 -12.32 0.70 20.02
C ARG A 118 -12.80 -0.43 20.91
N ASN A 119 -12.39 -1.65 20.62
CA ASN A 119 -12.78 -2.77 21.45
C ASN A 119 -11.61 -3.13 22.35
N GLU A 120 -10.57 -2.31 22.31
CA GLU A 120 -9.39 -2.53 23.13
C GLU A 120 -9.07 -1.27 23.92
N PHE A 121 -10.02 -0.87 24.76
CA PHE A 121 -9.86 0.30 25.57
C PHE A 121 -10.40 0.13 26.98
N VAL A 122 -9.65 0.64 27.95
CA VAL A 122 -10.07 0.66 29.34
C VAL A 122 -9.56 2.02 29.80
N PRO A 123 -10.27 2.67 30.73
CA PRO A 123 -9.79 3.97 31.18
C PRO A 123 -8.42 3.90 31.83
N TYR A 124 -8.14 2.80 32.50
CA TYR A 124 -6.85 2.62 33.20
C TYR A 124 -6.72 1.15 33.56
N LYS A 125 -5.50 0.70 33.86
CA LYS A 125 -5.27 -0.70 34.20
C LYS A 125 -5.03 -0.98 35.69
N VAL A 126 -5.37 -2.18 36.12
CA VAL A 126 -5.15 -2.67 37.49
C VAL A 126 -4.82 -4.16 37.31
N ALA A 127 -4.40 -4.83 38.38
CA ALA A 127 -4.08 -6.26 38.29
C ALA A 127 -5.36 -7.05 38.07
N PRO A 128 -5.32 -8.10 37.22
CA PRO A 128 -4.15 -8.54 36.48
C PRO A 128 -4.01 -7.76 35.15
N GLU A 129 -2.94 -6.98 35.06
CA GLU A 129 -2.65 -6.15 33.88
C GLU A 129 -2.66 -6.89 32.55
N ASP A 130 -2.39 -8.20 32.56
CA ASP A 130 -2.35 -8.97 31.32
C ASP A 130 -3.69 -9.00 30.59
N LEU A 131 -4.75 -8.66 31.30
CA LEU A 131 -6.07 -8.67 30.70
C LEU A 131 -6.23 -7.45 29.79
N TYR A 132 -5.26 -6.53 29.84
CA TYR A 132 -5.33 -5.32 29.02
C TYR A 132 -4.04 -5.06 28.22
N LYS A 133 -3.40 -6.14 27.75
CA LYS A 133 -2.17 -6.05 26.97
C LYS A 133 -2.35 -5.26 25.68
N ASP A 134 -1.58 -4.19 25.54
CA ASP A 134 -1.64 -3.33 24.36
C ASP A 134 -2.98 -2.60 24.17
N PHE A 135 -3.72 -2.44 25.26
CA PHE A 135 -4.99 -1.73 25.24
C PHE A 135 -4.69 -0.23 25.28
N LEU A 136 -5.62 0.59 24.82
CA LEU A 136 -5.43 2.03 24.91
C LEU A 136 -6.05 2.41 26.26
N THR A 137 -5.53 3.46 26.90
CA THR A 137 -6.05 3.94 28.17
C THR A 137 -6.10 5.45 28.13
N LEU A 138 -6.69 6.06 29.16
CA LEU A 138 -6.75 7.51 29.21
C LEU A 138 -5.34 8.08 29.17
N GLU A 139 -4.38 7.36 29.73
CA GLU A 139 -3.01 7.84 29.71
C GLU A 139 -2.54 7.98 28.27
N HIS A 140 -2.82 6.98 27.44
CA HIS A 140 -2.42 7.03 26.04
C HIS A 140 -3.00 8.23 25.32
N LEU A 141 -4.30 8.43 25.43
CA LEU A 141 -4.97 9.53 24.75
C LEU A 141 -4.43 10.89 25.17
N ILE A 142 -4.26 11.10 26.47
CA ILE A 142 -3.74 12.37 26.95
C ILE A 142 -2.30 12.52 26.50
N CYS A 143 -1.58 11.40 26.47
CA CYS A 143 -0.19 11.43 26.06
C CYS A 143 -0.02 11.78 24.56
N TYR A 144 -0.92 11.32 23.70
CA TYR A 144 -0.81 11.66 22.28
C TYR A 144 -1.07 13.16 22.13
N SER A 145 -2.02 13.68 22.91
CA SER A 145 -2.39 15.09 22.88
C SER A 145 -1.22 15.96 23.35
N PHE A 146 -0.56 15.50 24.42
CA PHE A 146 0.59 16.20 25.00
C PHE A 146 1.72 16.29 23.95
N GLN A 147 2.05 15.16 23.32
CA GLN A 147 3.10 15.12 22.30
C GLN A 147 2.82 16.01 21.08
N VAL A 148 1.60 15.96 20.57
CA VAL A 148 1.26 16.77 19.42
C VAL A 148 1.32 18.24 19.83
N ALA A 149 0.97 18.53 21.08
CA ALA A 149 1.02 19.92 21.52
C ALA A 149 2.49 20.39 21.61
N LYS A 150 3.39 19.50 22.01
CA LYS A 150 4.78 19.89 22.10
C LYS A 150 5.31 20.10 20.69
N GLY A 151 4.91 19.22 19.78
CA GLY A 151 5.36 19.36 18.40
C GLY A 151 4.89 20.68 17.80
N MET A 152 3.63 21.05 18.08
CA MET A 152 3.09 22.30 17.55
C MET A 152 3.74 23.53 18.22
N GLU A 153 4.08 23.42 19.51
CA GLU A 153 4.74 24.53 20.20
C GLU A 153 6.11 24.72 19.53
N PHE A 154 6.69 23.62 19.09
CA PHE A 154 7.97 23.60 18.41
C PHE A 154 7.88 24.35 17.08
N LEU A 155 6.83 24.07 16.32
CA LEU A 155 6.62 24.69 15.01
C LEU A 155 6.19 26.16 15.13
N ALA A 156 5.26 26.45 16.04
CA ALA A 156 4.79 27.82 16.22
C ALA A 156 5.97 28.71 16.61
N SER A 157 6.83 28.18 17.47
CA SER A 157 8.01 28.91 17.92
C SER A 157 8.92 29.31 16.76
N ARG A 158 8.81 28.60 15.65
CA ARG A 158 9.63 28.88 14.50
C ARG A 158 8.88 29.53 13.34
N LYS A 159 7.75 30.16 13.70
CA LYS A 159 6.90 30.85 12.73
C LYS A 159 6.37 29.91 11.65
N CYS A 160 6.26 28.63 11.99
CA CYS A 160 5.78 27.63 11.04
C CYS A 160 4.32 27.25 11.30
N ILE A 161 3.46 27.49 10.31
CA ILE A 161 2.02 27.22 10.41
C ILE A 161 1.59 25.98 9.62
N HIS A 162 1.05 24.98 10.29
CA HIS A 162 0.62 23.74 9.62
C HIS A 162 -0.46 23.88 8.54
N ARG A 163 -1.60 24.49 8.88
CA ARG A 163 -2.71 24.68 7.94
C ARG A 163 -3.60 23.46 7.70
N ASP A 164 -3.19 22.29 8.20
CA ASP A 164 -4.01 21.09 8.02
C ASP A 164 -3.76 20.09 9.16
N LEU A 165 -3.88 20.60 10.38
CA LEU A 165 -3.68 19.77 11.56
C LEU A 165 -4.96 18.99 11.78
N ALA A 166 -4.84 17.67 11.73
CA ALA A 166 -5.96 16.75 11.90
C ALA A 166 -5.35 15.41 12.27
N ALA A 167 -6.16 14.49 12.81
CA ALA A 167 -5.66 13.18 13.20
C ALA A 167 -5.02 12.44 12.03
N ARG A 168 -5.54 12.63 10.82
CA ARG A 168 -4.97 11.95 9.65
C ARG A 168 -3.53 12.37 9.37
N ASN A 169 -3.11 13.51 9.91
CA ASN A 169 -1.74 13.97 9.70
C ASN A 169 -0.86 13.80 10.92
N ILE A 170 -1.22 12.84 11.76
CA ILE A 170 -0.43 12.53 12.94
C ILE A 170 -0.04 11.07 12.72
N LEU A 171 1.23 10.76 12.89
CA LEU A 171 1.69 9.40 12.67
C LEU A 171 2.06 8.71 13.97
N LEU A 172 1.80 7.42 14.04
CA LEU A 172 2.15 6.66 15.24
C LEU A 172 3.41 5.85 14.98
N SER A 173 4.41 6.04 15.82
CA SER A 173 5.67 5.34 15.70
C SER A 173 5.76 4.33 16.85
N GLU A 174 6.95 3.83 17.13
CA GLU A 174 7.13 2.86 18.21
C GLU A 174 7.11 3.56 19.58
N LYS A 175 6.90 2.76 20.63
CA LYS A 175 6.88 3.27 22.00
C LYS A 175 5.86 4.39 22.21
N ASN A 176 4.75 4.32 21.49
CA ASN A 176 3.70 5.33 21.60
C ASN A 176 4.16 6.78 21.44
N VAL A 177 5.06 7.00 20.49
CA VAL A 177 5.58 8.32 20.16
C VAL A 177 4.83 8.74 18.91
N VAL A 178 4.19 9.91 18.93
CA VAL A 178 3.46 10.38 17.77
C VAL A 178 4.19 11.55 17.15
N LYS A 179 4.11 11.66 15.82
CA LYS A 179 4.78 12.74 15.12
C LYS A 179 3.84 13.47 14.18
N ILE A 180 4.08 14.78 14.06
CA ILE A 180 3.28 15.62 13.18
C ILE A 180 3.86 15.50 11.80
N CYS A 181 3.02 15.18 10.81
CA CYS A 181 3.48 15.04 9.44
C CYS A 181 2.60 15.89 8.55
N ASP A 182 2.82 15.83 7.25
CA ASP A 182 1.99 16.58 6.33
C ASP A 182 2.00 15.94 4.96
N PHE A 183 0.96 15.17 4.66
CA PHE A 183 0.85 14.50 3.38
C PHE A 183 0.75 15.48 2.21
N GLY A 184 0.58 16.76 2.51
CA GLY A 184 0.47 17.76 1.47
C GLY A 184 1.62 17.77 0.47
N LEU A 203 -13.92 16.10 4.58
CA LEU A 203 -14.08 17.51 4.23
C LEU A 203 -13.28 18.41 5.17
N PRO A 204 -12.10 18.90 4.70
CA PRO A 204 -11.16 19.78 5.42
C PRO A 204 -11.76 21.02 6.05
N LEU A 205 -12.97 21.37 5.67
CA LEU A 205 -13.63 22.54 6.24
C LEU A 205 -13.91 22.26 7.72
N LYS A 206 -14.03 20.98 8.07
CA LYS A 206 -14.31 20.59 9.45
C LYS A 206 -13.18 20.81 10.45
N TRP A 207 -11.97 21.08 9.95
CA TRP A 207 -10.82 21.33 10.81
C TRP A 207 -10.45 22.81 10.77
N MET A 208 -11.09 23.56 9.88
CA MET A 208 -10.80 24.99 9.71
C MET A 208 -11.52 25.93 10.67
N ALA A 209 -10.78 26.90 11.18
CA ALA A 209 -11.34 27.91 12.08
C ALA A 209 -12.24 28.86 11.29
N PRO A 210 -13.22 29.49 11.97
CA PRO A 210 -14.14 30.42 11.34
C PRO A 210 -13.46 31.48 10.48
N GLU A 211 -12.43 32.11 11.03
CA GLU A 211 -11.69 33.15 10.29
C GLU A 211 -10.99 32.57 9.07
N THR A 212 -10.63 31.28 9.11
CA THR A 212 -9.98 30.67 7.96
C THR A 212 -11.01 30.46 6.84
N ILE A 213 -12.21 30.03 7.22
CA ILE A 213 -13.28 29.79 6.28
C ILE A 213 -13.86 31.08 5.67
N PHE A 214 -14.15 32.07 6.51
CA PHE A 214 -14.75 33.30 6.03
C PHE A 214 -13.76 34.38 5.56
N ASP A 215 -12.54 34.37 6.10
CA ASP A 215 -11.56 35.36 5.69
C ASP A 215 -10.34 34.77 5.00
N ARG A 216 -10.21 33.45 5.01
CA ARG A 216 -9.05 32.83 4.39
C ARG A 216 -7.78 33.26 5.11
N VAL A 217 -7.89 33.38 6.43
CA VAL A 217 -6.76 33.77 7.26
C VAL A 217 -6.20 32.52 7.95
N TYR A 218 -4.90 32.31 7.85
CA TYR A 218 -4.24 31.17 8.46
C TYR A 218 -3.21 31.71 9.43
N THR A 219 -3.24 31.24 10.67
CA THR A 219 -2.27 31.72 11.65
C THR A 219 -2.05 30.63 12.68
N ILE A 220 -1.13 30.90 13.61
CA ILE A 220 -0.86 29.94 14.66
C ILE A 220 -2.17 29.72 15.40
N GLN A 221 -2.93 30.78 15.60
CA GLN A 221 -4.20 30.67 16.30
C GLN A 221 -5.18 29.76 15.56
N SER A 222 -5.24 29.84 14.24
CA SER A 222 -6.17 28.97 13.53
C SER A 222 -5.70 27.52 13.65
N ASP A 223 -4.41 27.32 13.87
CA ASP A 223 -3.86 25.97 14.08
C ASP A 223 -4.29 25.48 15.46
N VAL A 224 -4.50 26.41 16.39
CA VAL A 224 -4.94 26.04 17.73
C VAL A 224 -6.37 25.51 17.63
N TRP A 225 -7.17 26.14 16.78
CA TRP A 225 -8.55 25.70 16.56
C TRP A 225 -8.49 24.25 16.06
N SER A 226 -7.67 24.01 15.03
CA SER A 226 -7.54 22.66 14.46
C SER A 226 -7.15 21.63 15.51
N PHE A 227 -6.22 22.00 16.38
CA PHE A 227 -5.77 21.13 17.46
C PHE A 227 -7.00 20.69 18.28
N GLY A 228 -7.90 21.63 18.55
CA GLY A 228 -9.10 21.32 19.30
C GLY A 228 -9.88 20.20 18.63
N VAL A 229 -10.03 20.29 17.30
CA VAL A 229 -10.72 19.26 16.54
C VAL A 229 -9.92 17.95 16.63
N LEU A 230 -8.60 18.06 16.62
CA LEU A 230 -7.76 16.86 16.75
C LEU A 230 -8.04 16.23 18.12
N LEU A 231 -8.15 17.06 19.16
CA LEU A 231 -8.44 16.55 20.50
C LEU A 231 -9.72 15.75 20.46
N TRP A 232 -10.76 16.32 19.85
CA TRP A 232 -12.04 15.65 19.73
C TRP A 232 -11.85 14.29 19.05
N GLU A 233 -11.07 14.26 17.96
CA GLU A 233 -10.81 13.02 17.23
C GLU A 233 -10.14 11.98 18.11
N ILE A 234 -9.15 12.41 18.88
CA ILE A 234 -8.44 11.50 19.76
C ILE A 234 -9.37 10.91 20.83
N PHE A 235 -10.20 11.76 21.44
CA PHE A 235 -11.10 11.30 22.49
C PHE A 235 -12.47 10.78 22.04
N SER A 236 -12.57 10.47 20.75
CA SER A 236 -13.78 9.88 20.19
C SER A 236 -13.25 8.61 19.52
N LEU A 237 -11.95 8.39 19.72
CA LEU A 237 -11.21 7.26 19.15
C LEU A 237 -11.27 7.14 17.63
N GLY A 238 -10.96 8.23 16.95
CA GLY A 238 -10.95 8.20 15.49
C GLY A 238 -12.27 8.44 14.77
N ALA A 239 -13.22 9.09 15.43
CA ALA A 239 -14.50 9.36 14.80
C ALA A 239 -14.37 10.53 13.85
N SER A 240 -15.38 10.71 13.00
CA SER A 240 -15.37 11.81 12.05
C SER A 240 -16.04 13.00 12.74
N PRO A 241 -15.35 14.14 12.81
CA PRO A 241 -15.91 15.32 13.46
C PRO A 241 -17.25 15.74 12.87
N TYR A 242 -18.09 16.32 13.73
CA TYR A 242 -19.43 16.76 13.35
C TYR A 242 -20.25 15.65 12.72
N PRO A 243 -20.41 14.52 13.43
CA PRO A 243 -21.17 13.36 12.94
C PRO A 243 -22.61 13.65 12.52
N GLY A 244 -22.96 13.22 11.31
CA GLY A 244 -24.31 13.41 10.80
C GLY A 244 -24.69 14.86 10.54
N VAL A 245 -23.75 15.64 10.03
CA VAL A 245 -24.01 17.03 9.74
C VAL A 245 -23.56 17.32 8.33
N LYS A 246 -24.45 17.86 7.52
CA LYS A 246 -24.08 18.18 6.16
C LYS A 246 -23.14 19.38 6.28
N ILE A 247 -22.07 19.37 5.49
CA ILE A 247 -21.12 20.47 5.52
C ILE A 247 -21.49 21.45 4.41
N ASP A 248 -22.45 22.32 4.71
CA ASP A 248 -22.93 23.31 3.76
C ASP A 248 -22.84 24.72 4.34
N GLU A 249 -23.68 25.62 3.84
CA GLU A 249 -23.70 26.99 4.31
C GLU A 249 -24.24 27.10 5.72
N GLU A 250 -25.15 26.20 6.09
CA GLU A 250 -25.70 26.23 7.43
C GLU A 250 -24.62 25.83 8.42
N PHE A 251 -23.82 24.85 8.04
CA PHE A 251 -22.74 24.40 8.90
C PHE A 251 -21.82 25.56 9.26
N CYS A 252 -21.35 26.27 8.24
CA CYS A 252 -20.44 27.39 8.42
C CYS A 252 -21.11 28.53 9.19
N ARG A 253 -22.38 28.75 8.91
CA ARG A 253 -23.15 29.81 9.56
C ARG A 253 -23.23 29.50 11.06
N ARG A 254 -23.60 28.27 11.39
CA ARG A 254 -23.72 27.87 12.77
C ARG A 254 -22.37 27.89 13.51
N LEU A 255 -21.31 27.55 12.78
CA LEU A 255 -19.98 27.54 13.36
C LEU A 255 -19.56 28.95 13.73
N LYS A 256 -19.83 29.89 12.85
CA LYS A 256 -19.49 31.28 13.09
C LYS A 256 -20.35 31.85 14.21
N GLU A 257 -21.58 31.33 14.32
CA GLU A 257 -22.55 31.78 15.32
C GLU A 257 -22.29 31.23 16.72
N GLY A 258 -21.30 30.34 16.85
CA GLY A 258 -20.96 29.80 18.15
C GLY A 258 -21.36 28.37 18.50
N THR A 259 -21.91 27.62 17.55
CA THR A 259 -22.28 26.24 17.83
C THR A 259 -21.03 25.38 17.84
N ARG A 260 -21.01 24.37 18.73
CA ARG A 260 -19.85 23.49 18.86
C ARG A 260 -20.24 22.01 19.01
N MET A 261 -19.35 21.12 18.58
CA MET A 261 -19.57 19.68 18.73
C MET A 261 -19.75 19.38 20.22
N ARG A 262 -20.41 18.26 20.52
CA ARG A 262 -20.60 17.84 21.91
C ARG A 262 -19.41 16.97 22.31
N ALA A 263 -19.23 16.80 23.62
CA ALA A 263 -18.11 16.00 24.14
C ALA A 263 -18.14 14.58 23.56
N PRO A 264 -16.98 14.09 23.08
CA PRO A 264 -16.90 12.74 22.50
C PRO A 264 -16.98 11.67 23.59
N ASP A 265 -17.21 10.42 23.17
CA ASP A 265 -17.37 9.30 24.09
C ASP A 265 -16.27 8.94 25.10
N TYR A 266 -15.00 9.22 24.78
CA TYR A 266 -13.92 8.85 25.71
C TYR A 266 -13.20 10.02 26.39
N THR A 267 -13.81 11.19 26.34
CA THR A 267 -13.21 12.38 26.95
C THR A 267 -13.35 12.46 28.46
N THR A 268 -12.58 13.37 29.06
CA THR A 268 -12.63 13.64 30.49
C THR A 268 -13.19 15.06 30.49
N PRO A 269 -13.82 15.49 31.59
CA PRO A 269 -14.37 16.86 31.58
C PRO A 269 -13.35 17.96 31.26
N GLU A 270 -12.15 17.84 31.78
CA GLU A 270 -11.14 18.86 31.52
C GLU A 270 -10.71 18.89 30.07
N MET A 271 -10.56 17.72 29.45
CA MET A 271 -10.17 17.68 28.05
C MET A 271 -11.22 18.34 27.19
N TYR A 272 -12.50 18.07 27.46
CA TYR A 272 -13.57 18.68 26.66
C TYR A 272 -13.52 20.20 26.76
N GLN A 273 -13.29 20.71 27.97
CA GLN A 273 -13.20 22.16 28.19
C GLN A 273 -11.98 22.71 27.43
N THR A 274 -10.90 21.95 27.34
CA THR A 274 -9.72 22.40 26.60
C THR A 274 -10.14 22.50 25.13
N MET A 275 -11.01 21.59 24.70
CA MET A 275 -11.52 21.60 23.33
C MET A 275 -12.29 22.91 23.12
N LEU A 276 -13.20 23.21 24.04
CA LEU A 276 -13.99 24.44 23.95
C LEU A 276 -13.07 25.67 23.94
N ASP A 277 -12.02 25.65 24.77
CA ASP A 277 -11.09 26.77 24.81
C ASP A 277 -10.45 26.96 23.44
N CYS A 278 -10.00 25.87 22.84
CA CYS A 278 -9.39 25.93 21.52
C CYS A 278 -10.35 26.50 20.49
N TRP A 279 -11.65 26.21 20.65
CA TRP A 279 -12.66 26.70 19.69
C TRP A 279 -13.27 28.06 19.99
N HIS A 280 -12.63 28.83 20.85
CA HIS A 280 -13.14 30.16 21.16
C HIS A 280 -13.32 30.97 19.87
N GLY A 281 -14.39 31.76 19.79
CA GLY A 281 -14.61 32.57 18.59
C GLY A 281 -13.50 33.57 18.30
N GLU A 282 -12.96 34.21 19.32
CA GLU A 282 -11.88 35.18 19.15
C GLU A 282 -10.52 34.49 19.09
N PRO A 283 -9.88 34.47 17.92
CA PRO A 283 -8.58 33.82 17.76
C PRO A 283 -7.60 34.14 18.91
N SER A 284 -7.60 35.39 19.36
CA SER A 284 -6.69 35.79 20.43
C SER A 284 -7.08 35.32 21.83
N GLN A 285 -8.26 34.72 21.96
CA GLN A 285 -8.71 34.25 23.27
C GLN A 285 -8.44 32.78 23.46
N ARG A 286 -7.93 32.13 22.42
CA ARG A 286 -7.60 30.72 22.47
C ARG A 286 -6.24 30.60 23.16
N PRO A 287 -6.01 29.48 23.86
CA PRO A 287 -4.72 29.32 24.53
C PRO A 287 -3.62 29.16 23.47
N THR A 288 -2.38 29.41 23.85
CA THR A 288 -1.25 29.26 22.93
C THR A 288 -0.81 27.82 23.05
N PHE A 289 0.06 27.36 22.17
CA PHE A 289 0.51 25.99 22.30
C PHE A 289 1.34 25.80 23.58
N SER A 290 1.96 26.87 24.07
CA SER A 290 2.74 26.74 25.32
C SER A 290 1.81 26.46 26.50
N GLU A 291 0.66 27.13 26.51
CA GLU A 291 -0.32 26.94 27.57
C GLU A 291 -0.90 25.52 27.49
N LEU A 292 -1.18 25.06 26.27
CA LEU A 292 -1.71 23.71 26.08
C LEU A 292 -0.67 22.68 26.50
N VAL A 293 0.60 22.92 26.16
CA VAL A 293 1.65 21.99 26.56
C VAL A 293 1.68 21.93 28.08
N GLU A 294 1.58 23.08 28.71
CA GLU A 294 1.59 23.16 30.17
C GLU A 294 0.35 22.46 30.75
N HIS A 295 -0.83 22.83 30.26
CA HIS A 295 -2.07 22.23 30.73
C HIS A 295 -2.13 20.71 30.54
N LEU A 296 -1.92 20.24 29.31
CA LEU A 296 -1.96 18.81 29.05
C LEU A 296 -0.95 18.05 29.93
N GLY A 297 0.20 18.68 30.18
CA GLY A 297 1.19 18.04 31.02
C GLY A 297 0.68 17.77 32.43
N ASN A 298 0.01 18.76 33.01
CA ASN A 298 -0.57 18.63 34.35
C ASN A 298 -1.67 17.57 34.36
N LEU A 299 -2.48 17.54 33.31
CA LEU A 299 -3.55 16.56 33.24
C LEU A 299 -2.92 15.18 33.13
N LEU A 300 -1.82 15.07 32.39
CA LEU A 300 -1.15 13.79 32.27
C LEU A 300 -0.64 13.35 33.65
N GLN A 301 -0.14 14.28 34.45
CA GLN A 301 0.38 13.84 35.73
C GLN A 301 -0.75 13.47 36.66
N ALA A 302 -1.82 14.27 36.67
CA ALA A 302 -2.96 13.97 37.54
C ALA A 302 -3.53 12.59 37.22
N ASN A 303 -3.67 12.28 35.94
CA ASN A 303 -4.20 11.01 35.52
C ASN A 303 -3.31 9.89 36.01
N ALA A 304 -2.00 10.10 35.87
CA ALA A 304 -1.02 9.11 36.29
C ALA A 304 -1.05 8.90 37.80
N GLN A 305 -1.25 9.97 38.55
CA GLN A 305 -1.30 9.85 39.99
C GLN A 305 -2.56 9.04 40.34
N GLN A 306 -3.69 9.39 39.72
CA GLN A 306 -4.95 8.69 39.93
C GLN A 306 -4.75 7.21 39.62
N ASP A 307 -4.07 6.92 38.52
CA ASP A 307 -3.79 5.54 38.12
C ASP A 307 -2.99 4.77 39.16
N ARG A 308 -2.05 5.43 39.81
CA ARG A 308 -1.26 4.76 40.84
C ARG A 308 -2.16 4.34 41.99
N HIS A 309 -3.10 5.21 42.37
CA HIS A 309 -4.01 4.85 43.45
C HIS A 309 -4.95 3.74 43.03
N HIS A 310 -5.42 3.74 41.77
CA HIS A 310 -6.32 2.69 41.33
C HIS A 310 -5.56 1.37 41.30
N HIS A 311 -4.28 1.43 40.93
CA HIS A 311 -3.46 0.23 40.84
C HIS A 311 -3.11 -0.34 42.21
N HIS A 312 -2.83 0.56 43.15
CA HIS A 312 -2.47 0.20 44.51
C HIS A 312 -3.63 -0.40 45.32
N HIS A 313 -4.81 0.18 45.21
CA HIS A 313 -5.95 -0.28 45.98
C HIS A 313 -6.67 -1.52 45.45
N HIS A 314 -6.40 -1.91 44.22
CA HIS A 314 -7.06 -3.08 43.67
C HIS A 314 -6.06 -4.03 43.01
N ARG B 5 8.64 -12.21 -35.48
CA ARG B 5 8.40 -11.24 -36.58
C ARG B 5 8.32 -9.80 -36.06
N LEU B 6 7.98 -9.69 -34.79
CA LEU B 6 7.87 -8.39 -34.13
C LEU B 6 9.29 -7.84 -33.97
N PRO B 7 9.46 -6.50 -34.13
CA PRO B 7 10.76 -5.81 -34.01
C PRO B 7 11.32 -5.56 -32.60
N TYR B 8 12.47 -4.88 -32.54
CA TYR B 8 13.12 -4.58 -31.26
C TYR B 8 13.76 -3.20 -31.24
N ASP B 9 13.15 -2.27 -30.51
CA ASP B 9 13.65 -0.91 -30.41
C ASP B 9 14.72 -0.78 -29.33
N ALA B 10 15.94 -1.12 -29.67
CA ALA B 10 17.05 -1.06 -28.71
C ALA B 10 17.19 0.31 -28.07
N SER B 11 16.58 1.32 -28.67
CA SER B 11 16.68 2.67 -28.13
C SER B 11 15.95 2.76 -26.79
N LYS B 12 14.75 2.19 -26.76
CA LYS B 12 13.90 2.23 -25.58
C LYS B 12 13.96 1.02 -24.65
N TRP B 13 14.59 -0.08 -25.06
CA TRP B 13 14.61 -1.27 -24.22
C TRP B 13 15.95 -1.83 -23.73
N GLU B 14 17.04 -1.64 -24.49
CA GLU B 14 18.35 -2.18 -24.10
C GLU B 14 18.85 -1.63 -22.77
N PHE B 15 19.44 -2.50 -21.96
CA PHE B 15 19.94 -2.12 -20.64
C PHE B 15 21.33 -2.70 -20.45
N PRO B 16 22.26 -1.90 -19.93
CA PRO B 16 23.65 -2.30 -19.69
C PRO B 16 23.79 -3.44 -18.67
N ARG B 17 24.55 -4.47 -19.04
CA ARG B 17 24.76 -5.63 -18.17
C ARG B 17 25.49 -5.35 -16.85
N ASP B 18 26.40 -4.37 -16.87
CA ASP B 18 27.16 -4.06 -15.66
C ASP B 18 26.34 -3.30 -14.61
N ARG B 19 25.19 -2.80 -15.03
CA ARG B 19 24.30 -2.08 -14.13
C ARG B 19 23.24 -3.03 -13.56
N LEU B 20 23.48 -4.32 -13.76
CA LEU B 20 22.59 -5.37 -13.30
C LEU B 20 23.38 -6.31 -12.39
N LYS B 21 22.93 -6.47 -11.14
CA LYS B 21 23.62 -7.35 -10.20
C LYS B 21 22.78 -8.60 -9.92
N LEU B 22 23.23 -9.73 -10.43
CA LEU B 22 22.51 -10.99 -10.27
C LEU B 22 22.46 -11.49 -8.85
N GLY B 23 21.26 -11.93 -8.43
CA GLY B 23 21.08 -12.43 -7.08
C GLY B 23 20.76 -13.92 -7.05
N LYS B 24 19.78 -14.32 -6.25
CA LYS B 24 19.42 -15.72 -6.14
C LYS B 24 18.40 -16.14 -7.19
N PRO B 25 18.28 -17.45 -7.45
CA PRO B 25 17.36 -18.01 -8.44
C PRO B 25 15.91 -18.01 -7.95
N LEU B 26 14.97 -17.90 -8.89
CA LEU B 26 13.55 -17.89 -8.56
C LEU B 26 12.89 -19.12 -9.17
N GLY B 27 13.51 -19.64 -10.22
CA GLY B 27 13.01 -20.81 -10.92
C GLY B 27 14.09 -21.39 -11.82
N ARG B 28 14.03 -22.69 -12.05
CA ARG B 28 15.01 -23.37 -12.89
C ARG B 28 14.33 -24.33 -13.87
N GLY B 29 14.84 -24.38 -15.09
CA GLY B 29 14.27 -25.26 -16.10
C GLY B 29 15.31 -25.73 -17.10
N GLY B 32 16.65 -22.14 -19.78
CA GLY B 32 15.77 -21.22 -19.08
C GLY B 32 16.06 -21.13 -17.59
N GLN B 33 16.15 -19.92 -17.08
CA GLN B 33 16.42 -19.72 -15.66
C GLN B 33 15.95 -18.34 -15.22
N VAL B 34 15.24 -18.29 -14.09
CA VAL B 34 14.73 -17.03 -13.59
C VAL B 34 15.53 -16.62 -12.36
N ILE B 35 16.07 -15.41 -12.39
CA ILE B 35 16.87 -14.92 -11.29
C ILE B 35 16.44 -13.55 -10.77
N GLU B 36 16.63 -13.35 -9.48
CA GLU B 36 16.30 -12.09 -8.82
C GLU B 36 17.55 -11.21 -9.01
N ALA B 37 17.35 -9.91 -9.21
CA ALA B 37 18.50 -9.03 -9.40
C ALA B 37 18.27 -7.57 -9.08
N ASP B 38 19.36 -6.86 -8.80
CA ASP B 38 19.30 -5.43 -8.54
C ASP B 38 19.66 -4.71 -9.84
N ALA B 39 18.81 -3.77 -10.25
CA ALA B 39 19.02 -2.98 -11.45
C ALA B 39 19.21 -1.52 -11.05
N PHE B 40 20.28 -0.89 -11.54
CA PHE B 40 20.56 0.48 -11.21
C PHE B 40 20.17 1.46 -12.30
N GLY B 41 19.08 2.18 -12.05
CA GLY B 41 18.61 3.18 -12.99
C GLY B 41 17.86 2.63 -14.18
N ILE B 42 17.13 1.54 -13.99
CA ILE B 42 16.40 0.96 -15.10
C ILE B 42 15.12 1.73 -15.42
N ASP B 43 14.73 2.65 -14.54
CA ASP B 43 13.53 3.45 -14.77
C ASP B 43 13.84 4.91 -14.46
N LYS B 44 12.88 5.80 -14.71
CA LYS B 44 13.08 7.22 -14.48
C LYS B 44 13.44 7.73 -13.09
N THR B 45 13.14 6.95 -12.05
CA THR B 45 13.47 7.41 -10.70
C THR B 45 14.99 7.38 -10.48
N ALA B 46 15.70 6.73 -11.40
CA ALA B 46 17.16 6.58 -11.33
C ALA B 46 17.61 5.91 -10.03
N THR B 47 16.74 5.13 -9.42
CA THR B 47 17.03 4.43 -8.18
C THR B 47 17.41 2.97 -8.42
N CYS B 48 17.53 2.21 -7.33
CA CYS B 48 17.87 0.80 -7.40
C CYS B 48 16.58 -0.02 -7.27
N ARG B 49 16.30 -0.82 -8.29
CA ARG B 49 15.08 -1.61 -8.30
C ARG B 49 15.35 -3.12 -8.34
N THR B 50 14.55 -3.88 -7.58
CA THR B 50 14.68 -5.32 -7.60
C THR B 50 13.90 -5.74 -8.81
N VAL B 51 14.53 -6.53 -9.68
CA VAL B 51 13.87 -7.00 -10.90
C VAL B 51 14.03 -8.51 -11.02
N ALA B 52 13.27 -9.10 -11.95
CA ALA B 52 13.35 -10.52 -12.21
C ALA B 52 14.02 -10.62 -13.57
N VAL B 53 14.87 -11.63 -13.74
CA VAL B 53 15.58 -11.79 -15.00
C VAL B 53 15.53 -13.22 -15.49
N LYS B 54 15.12 -13.38 -16.75
CA LYS B 54 15.04 -14.70 -17.38
C LYS B 54 16.22 -14.75 -18.35
N MET B 55 17.03 -15.80 -18.27
CA MET B 55 18.19 -15.92 -19.15
C MET B 55 18.57 -17.36 -19.45
N LEU B 56 19.24 -17.58 -20.57
CA LEU B 56 19.67 -18.91 -20.97
C LEU B 56 20.91 -19.28 -20.16
N ALA B 60 22.14 -24.24 -24.70
CA ALA B 60 22.68 -23.06 -25.37
C ALA B 60 22.31 -23.08 -26.86
N THR B 61 21.23 -23.82 -27.17
CA THR B 61 20.72 -23.97 -28.53
C THR B 61 20.10 -22.71 -29.12
N HIS B 62 20.29 -22.49 -30.42
CA HIS B 62 19.74 -21.30 -31.09
C HIS B 62 18.21 -21.26 -31.04
N SER B 63 17.55 -22.41 -31.08
CA SER B 63 16.09 -22.40 -31.04
C SER B 63 15.63 -21.93 -29.67
N GLU B 64 16.45 -22.20 -28.65
CA GLU B 64 16.14 -21.78 -27.28
C GLU B 64 16.27 -20.25 -27.25
N HIS B 65 17.25 -19.76 -28.00
CA HIS B 65 17.53 -18.34 -28.10
C HIS B 65 16.39 -17.62 -28.80
N ARG B 66 15.93 -18.19 -29.92
CA ARG B 66 14.84 -17.61 -30.69
C ARG B 66 13.57 -17.62 -29.87
N ALA B 67 13.45 -18.60 -28.98
CA ALA B 67 12.28 -18.71 -28.15
C ALA B 67 12.25 -17.57 -27.14
N LEU B 68 13.38 -17.37 -26.47
CA LEU B 68 13.46 -16.32 -25.48
C LEU B 68 13.27 -14.95 -26.16
N MET B 69 13.77 -14.78 -27.39
CA MET B 69 13.61 -13.52 -28.11
C MET B 69 12.12 -13.28 -28.44
N SER B 70 11.42 -14.35 -28.82
CA SER B 70 10.01 -14.22 -29.16
C SER B 70 9.26 -13.68 -27.98
N GLU B 71 9.50 -14.29 -26.83
CA GLU B 71 8.86 -13.87 -25.59
C GLU B 71 9.14 -12.38 -25.37
N LEU B 72 10.38 -11.97 -25.59
CA LEU B 72 10.74 -10.56 -25.44
C LEU B 72 9.89 -9.69 -26.34
N LYS B 73 9.87 -10.01 -27.62
CA LYS B 73 9.12 -9.25 -28.60
C LYS B 73 7.62 -9.25 -28.30
N ILE B 74 7.11 -10.35 -27.77
CA ILE B 74 5.68 -10.43 -27.44
C ILE B 74 5.36 -9.53 -26.24
N LEU B 75 6.32 -9.36 -25.34
CA LEU B 75 6.12 -8.50 -24.17
C LEU B 75 6.10 -7.06 -24.65
N ILE B 76 6.95 -6.76 -25.64
CA ILE B 76 7.04 -5.42 -26.19
C ILE B 76 5.73 -5.09 -26.90
N HIS B 77 5.21 -6.07 -27.64
CA HIS B 77 3.97 -5.93 -28.38
C HIS B 77 2.81 -5.61 -27.44
N ILE B 78 2.48 -6.59 -26.61
CA ILE B 78 1.40 -6.52 -25.64
C ILE B 78 1.27 -5.24 -24.82
N GLY B 79 2.39 -4.63 -24.42
CA GLY B 79 2.30 -3.41 -23.63
C GLY B 79 2.20 -3.63 -22.12
N HIS B 80 1.82 -2.59 -21.40
CA HIS B 80 1.70 -2.63 -19.95
C HIS B 80 0.29 -2.88 -19.45
N HIS B 81 0.19 -3.41 -18.24
CA HIS B 81 -1.08 -3.67 -17.57
C HIS B 81 -0.76 -4.04 -16.13
N LEU B 82 -1.53 -3.49 -15.20
CA LEU B 82 -1.28 -3.74 -13.78
C LEU B 82 -1.38 -5.20 -13.40
N ASN B 83 -2.19 -5.97 -14.12
CA ASN B 83 -2.38 -7.38 -13.80
C ASN B 83 -1.54 -8.34 -14.64
N VAL B 84 -0.38 -7.88 -15.08
CA VAL B 84 0.52 -8.70 -15.86
C VAL B 84 1.97 -8.27 -15.58
N VAL B 85 2.88 -9.23 -15.46
CA VAL B 85 4.28 -8.89 -15.21
C VAL B 85 4.81 -8.08 -16.39
N ASN B 86 5.17 -6.83 -16.14
CA ASN B 86 5.65 -5.96 -17.20
C ASN B 86 7.14 -5.94 -17.46
N LEU B 87 7.48 -5.84 -18.73
CA LEU B 87 8.86 -5.79 -19.19
C LEU B 87 9.51 -4.47 -18.78
N LEU B 88 10.71 -4.55 -18.21
CA LEU B 88 11.44 -3.35 -17.80
C LEU B 88 12.61 -3.06 -18.74
N GLY B 89 13.16 -4.10 -19.35
CA GLY B 89 14.28 -3.93 -20.26
C GLY B 89 14.88 -5.25 -20.70
N ALA B 90 15.95 -5.18 -21.49
CA ALA B 90 16.60 -6.39 -21.98
C ALA B 90 18.06 -6.15 -22.36
N CYS B 91 18.87 -7.19 -22.20
CA CYS B 91 20.27 -7.13 -22.55
C CYS B 91 20.42 -8.06 -23.76
N THR B 92 20.61 -7.47 -24.93
CA THR B 92 20.72 -8.25 -26.16
C THR B 92 22.03 -8.07 -26.92
N LYS B 93 22.64 -6.90 -26.80
CA LYS B 93 23.89 -6.66 -27.51
C LYS B 93 24.95 -7.69 -27.15
N PRO B 94 25.85 -7.99 -28.09
CA PRO B 94 26.91 -8.99 -27.84
C PRO B 94 27.78 -8.60 -26.66
N GLY B 95 28.36 -9.61 -26.01
CA GLY B 95 29.21 -9.36 -24.86
C GLY B 95 28.79 -10.24 -23.71
N GLY B 96 27.55 -10.74 -23.74
CA GLY B 96 27.07 -11.59 -22.68
C GLY B 96 25.83 -12.34 -23.10
N PRO B 97 25.19 -13.07 -22.18
CA PRO B 97 23.98 -13.83 -22.48
C PRO B 97 22.76 -12.93 -22.66
N LEU B 98 21.76 -13.43 -23.37
CA LEU B 98 20.54 -12.68 -23.62
C LEU B 98 19.74 -12.68 -22.34
N MET B 99 19.46 -11.50 -21.81
CA MET B 99 18.70 -11.40 -20.57
C MET B 99 17.43 -10.57 -20.74
N VAL B 100 16.29 -11.13 -20.31
CA VAL B 100 15.01 -10.44 -20.36
C VAL B 100 14.67 -9.99 -18.94
N ILE B 101 14.47 -8.68 -18.76
CA ILE B 101 14.20 -8.09 -17.45
C ILE B 101 12.78 -7.56 -17.23
N THR B 102 12.17 -7.96 -16.12
CA THR B 102 10.82 -7.51 -15.80
C THR B 102 10.74 -7.05 -14.35
N GLU B 103 9.55 -6.62 -13.93
CA GLU B 103 9.36 -6.20 -12.57
C GLU B 103 9.39 -7.43 -11.66
N PHE B 104 9.67 -7.22 -10.39
CA PHE B 104 9.76 -8.30 -9.42
C PHE B 104 8.54 -8.30 -8.50
N CYS B 105 7.94 -9.48 -8.29
CA CYS B 105 6.78 -9.58 -7.40
C CYS B 105 7.28 -10.23 -6.11
N LYS B 106 7.43 -9.42 -5.05
CA LYS B 106 7.97 -9.90 -3.77
C LYS B 106 7.30 -11.05 -3.03
N PHE B 107 6.02 -11.32 -3.30
CA PHE B 107 5.34 -12.39 -2.57
C PHE B 107 5.24 -13.74 -3.26
N GLY B 108 5.78 -13.84 -4.47
CA GLY B 108 5.77 -15.11 -5.18
C GLY B 108 4.44 -15.58 -5.75
N ASN B 109 4.40 -16.85 -6.15
CA ASN B 109 3.21 -17.43 -6.74
C ASN B 109 2.02 -17.59 -5.77
N LEU B 110 0.83 -17.40 -6.31
CA LEU B 110 -0.41 -17.46 -5.55
C LEU B 110 -0.70 -18.79 -4.86
N SER B 111 -0.33 -19.90 -5.50
CA SER B 111 -0.57 -21.21 -4.91
C SER B 111 0.16 -21.37 -3.57
N THR B 112 1.44 -21.01 -3.55
CA THR B 112 2.24 -21.11 -2.34
C THR B 112 1.75 -20.13 -1.28
N TYR B 113 1.53 -18.89 -1.71
CA TYR B 113 1.05 -17.86 -0.79
C TYR B 113 -0.24 -18.29 -0.09
N LEU B 114 -1.22 -18.71 -0.87
CA LEU B 114 -2.49 -19.15 -0.33
C LEU B 114 -2.37 -20.32 0.65
N ARG B 115 -1.47 -21.26 0.37
CA ARG B 115 -1.29 -22.41 1.27
C ARG B 115 -0.85 -21.93 2.64
N SER B 116 0.01 -20.92 2.67
CA SER B 116 0.53 -20.39 3.93
C SER B 116 -0.42 -19.45 4.66
N LYS B 117 -1.62 -19.25 4.12
CA LYS B 117 -2.57 -18.36 4.78
C LYS B 117 -3.80 -19.08 5.29
N ARG B 118 -3.85 -20.40 5.10
CA ARG B 118 -4.99 -21.19 5.56
C ARG B 118 -5.30 -21.02 7.04
N ASN B 119 -4.26 -21.04 7.88
CA ASN B 119 -4.43 -20.89 9.33
C ASN B 119 -4.66 -19.44 9.72
N GLU B 120 -4.78 -18.56 8.73
CA GLU B 120 -4.99 -17.14 8.99
C GLU B 120 -5.99 -16.56 8.00
N PHE B 121 -7.07 -17.30 7.78
CA PHE B 121 -8.12 -16.90 6.86
C PHE B 121 -9.50 -16.95 7.51
N VAL B 122 -10.37 -16.02 7.14
CA VAL B 122 -11.72 -15.99 7.66
C VAL B 122 -12.68 -15.65 6.52
N PRO B 123 -13.80 -16.37 6.42
CA PRO B 123 -14.82 -16.16 5.38
C PRO B 123 -15.33 -14.72 5.41
N TYR B 124 -16.17 -14.46 6.40
CA TYR B 124 -16.78 -13.15 6.63
C TYR B 124 -15.79 -11.97 6.60
N LYS B 125 -16.33 -10.76 6.66
CA LYS B 125 -15.51 -9.55 6.66
C LYS B 125 -14.70 -9.46 7.95
N VAL B 126 -13.68 -8.61 7.96
CA VAL B 126 -12.84 -8.46 9.15
C VAL B 126 -12.89 -7.04 9.71
N LYS B 133 -3.30 -7.43 11.38
CA LYS B 133 -2.82 -8.80 11.51
C LYS B 133 -2.68 -9.49 10.16
N ASP B 134 -3.10 -8.79 9.11
CA ASP B 134 -3.03 -9.28 7.73
C ASP B 134 -3.77 -10.59 7.48
N PHE B 135 -5.04 -10.64 7.85
CA PHE B 135 -5.85 -11.83 7.64
C PHE B 135 -6.30 -11.89 6.18
N LEU B 136 -6.34 -13.09 5.63
CA LEU B 136 -6.80 -13.27 4.26
C LEU B 136 -8.31 -13.39 4.41
N THR B 137 -9.06 -12.95 3.42
CA THR B 137 -10.52 -13.03 3.51
C THR B 137 -11.20 -13.44 2.21
N LEU B 138 -12.47 -13.82 2.31
CA LEU B 138 -13.25 -14.24 1.16
C LEU B 138 -13.17 -13.16 0.09
N GLU B 139 -13.16 -11.90 0.52
CA GLU B 139 -13.09 -10.80 -0.41
C GLU B 139 -11.78 -10.76 -1.19
N HIS B 140 -10.67 -11.10 -0.52
CA HIS B 140 -9.38 -11.12 -1.20
C HIS B 140 -9.38 -12.15 -2.34
N LEU B 141 -10.03 -13.28 -2.09
CA LEU B 141 -10.09 -14.35 -3.09
C LEU B 141 -10.81 -13.92 -4.36
N ILE B 142 -11.94 -13.24 -4.19
CA ILE B 142 -12.69 -12.79 -5.35
C ILE B 142 -11.93 -11.69 -6.08
N CYS B 143 -11.20 -10.87 -5.34
CA CYS B 143 -10.44 -9.80 -5.97
C CYS B 143 -9.32 -10.37 -6.84
N TYR B 144 -8.63 -11.40 -6.34
CA TYR B 144 -7.56 -12.05 -7.10
C TYR B 144 -8.16 -12.62 -8.38
N SER B 145 -9.36 -13.17 -8.25
CA SER B 145 -10.05 -13.74 -9.40
C SER B 145 -10.35 -12.64 -10.40
N PHE B 146 -10.98 -11.58 -9.92
CA PHE B 146 -11.32 -10.44 -10.74
C PHE B 146 -10.09 -9.91 -11.51
N GLN B 147 -8.99 -9.74 -10.80
CA GLN B 147 -7.75 -9.23 -11.40
C GLN B 147 -7.21 -10.15 -12.48
N VAL B 148 -7.10 -11.44 -12.19
CA VAL B 148 -6.60 -12.36 -13.20
C VAL B 148 -7.51 -12.32 -14.42
N ALA B 149 -8.81 -12.23 -14.20
CA ALA B 149 -9.74 -12.15 -15.32
C ALA B 149 -9.39 -10.92 -16.15
N LYS B 150 -9.19 -9.79 -15.48
CA LYS B 150 -8.84 -8.56 -16.19
C LYS B 150 -7.54 -8.71 -16.97
N GLY B 151 -6.52 -9.28 -16.35
CA GLY B 151 -5.27 -9.48 -17.04
C GLY B 151 -5.45 -10.32 -18.30
N MET B 152 -6.24 -11.38 -18.19
CA MET B 152 -6.49 -12.26 -19.34
C MET B 152 -7.26 -11.53 -20.45
N GLU B 153 -8.28 -10.77 -20.07
CA GLU B 153 -9.06 -10.02 -21.05
C GLU B 153 -8.09 -9.15 -21.83
N PHE B 154 -7.14 -8.56 -21.11
CA PHE B 154 -6.10 -7.72 -21.71
C PHE B 154 -5.34 -8.54 -22.76
N LEU B 155 -4.71 -9.63 -22.31
CA LEU B 155 -3.95 -10.48 -23.21
C LEU B 155 -4.79 -10.98 -24.41
N ALA B 156 -6.08 -11.21 -24.20
CA ALA B 156 -6.94 -11.68 -25.28
C ALA B 156 -7.12 -10.55 -26.31
N SER B 157 -7.37 -9.34 -25.82
CA SER B 157 -7.55 -8.19 -26.70
C SER B 157 -6.30 -7.95 -27.56
N ARG B 158 -5.15 -8.41 -27.08
CA ARG B 158 -3.91 -8.27 -27.83
C ARG B 158 -3.75 -9.53 -28.69
N LYS B 159 -4.76 -10.41 -28.62
CA LYS B 159 -4.77 -11.66 -29.37
C LYS B 159 -3.58 -12.51 -28.92
N CYS B 160 -3.48 -12.66 -27.61
CA CYS B 160 -2.40 -13.41 -27.00
C CYS B 160 -2.97 -14.51 -26.10
N ILE B 161 -2.46 -15.72 -26.24
CA ILE B 161 -2.91 -16.86 -25.44
C ILE B 161 -1.83 -17.17 -24.40
N HIS B 162 -2.21 -17.66 -23.23
CA HIS B 162 -1.23 -17.94 -22.20
C HIS B 162 -0.66 -19.36 -22.32
N ARG B 163 -1.55 -20.32 -22.58
CA ARG B 163 -1.17 -21.72 -22.75
C ARG B 163 -0.88 -22.50 -21.46
N ASP B 164 -0.69 -21.78 -20.35
CA ASP B 164 -0.42 -22.44 -19.09
C ASP B 164 -0.87 -21.63 -17.88
N LEU B 165 -2.13 -21.21 -17.92
CA LEU B 165 -2.73 -20.42 -16.84
C LEU B 165 -2.95 -21.31 -15.62
N ALA B 166 -2.29 -20.97 -14.52
CA ALA B 166 -2.42 -21.74 -13.30
C ALA B 166 -1.92 -20.90 -12.13
N ALA B 167 -2.30 -21.28 -10.91
CA ALA B 167 -1.90 -20.57 -9.72
C ALA B 167 -0.38 -20.33 -9.71
N ARG B 168 0.38 -21.33 -10.14
CA ARG B 168 1.84 -21.19 -10.15
C ARG B 168 2.35 -20.08 -11.07
N ASN B 169 1.52 -19.62 -12.00
CA ASN B 169 1.95 -18.55 -12.90
C ASN B 169 1.25 -17.23 -12.57
N ILE B 170 0.75 -17.13 -11.35
CA ILE B 170 0.09 -15.93 -10.83
C ILE B 170 0.97 -15.44 -9.68
N LEU B 171 1.44 -14.21 -9.76
CA LEU B 171 2.30 -13.68 -8.72
C LEU B 171 1.63 -12.58 -7.91
N LEU B 172 1.99 -12.50 -6.63
CA LEU B 172 1.41 -11.50 -5.77
C LEU B 172 2.38 -10.38 -5.45
N SER B 173 1.99 -9.14 -5.73
CA SER B 173 2.82 -7.97 -5.42
C SER B 173 2.27 -7.21 -4.21
N GLU B 174 2.82 -6.03 -3.97
CA GLU B 174 2.41 -5.17 -2.86
C GLU B 174 0.99 -4.64 -3.06
N LYS B 175 0.32 -4.31 -1.96
CA LYS B 175 -1.05 -3.76 -2.00
C LYS B 175 -2.07 -4.75 -2.59
N ASN B 176 -1.83 -6.04 -2.37
CA ASN B 176 -2.70 -7.11 -2.86
C ASN B 176 -2.99 -7.10 -4.38
N VAL B 177 -1.96 -6.83 -5.16
CA VAL B 177 -2.09 -6.81 -6.61
C VAL B 177 -1.51 -8.12 -7.13
N VAL B 178 -2.30 -8.85 -7.91
CA VAL B 178 -1.79 -10.10 -8.48
C VAL B 178 -1.50 -9.87 -9.95
N LYS B 179 -0.42 -10.48 -10.43
CA LYS B 179 0.00 -10.33 -11.81
C LYS B 179 0.19 -11.69 -12.48
N ILE B 180 -0.14 -11.75 -13.77
CA ILE B 180 0.01 -12.97 -14.55
C ILE B 180 1.43 -13.03 -15.10
N CYS B 181 2.11 -14.16 -14.92
CA CYS B 181 3.47 -14.35 -15.39
C CYS B 181 3.56 -15.70 -16.09
N ASP B 182 4.78 -16.12 -16.43
CA ASP B 182 5.00 -17.41 -17.08
C ASP B 182 6.47 -17.80 -16.95
N PHE B 183 6.74 -18.77 -16.07
CA PHE B 183 8.11 -19.21 -15.84
C PHE B 183 8.74 -19.82 -17.09
N GLY B 184 7.92 -20.41 -17.96
CA GLY B 184 8.44 -21.03 -19.17
C GLY B 184 9.60 -21.96 -18.84
N LEU B 185 10.80 -21.38 -18.77
CA LEU B 185 12.03 -22.09 -18.45
C LEU B 185 12.50 -22.97 -19.60
N LEU B 203 1.56 -33.13 -14.55
CA LEU B 203 0.69 -32.17 -13.88
C LEU B 203 -0.15 -31.28 -14.81
N PRO B 204 0.51 -30.52 -15.72
CA PRO B 204 -0.16 -29.61 -16.67
C PRO B 204 -1.47 -30.10 -17.30
N LEU B 205 -1.63 -31.41 -17.42
CA LEU B 205 -2.85 -31.96 -17.98
C LEU B 205 -4.08 -31.56 -17.17
N LYS B 206 -3.90 -31.40 -15.87
CA LYS B 206 -5.02 -31.03 -15.00
C LYS B 206 -5.52 -29.61 -15.24
N TRP B 207 -4.80 -28.85 -16.05
CA TRP B 207 -5.18 -27.47 -16.35
C TRP B 207 -5.64 -27.26 -17.80
N MET B 208 -5.41 -28.26 -18.64
CA MET B 208 -5.79 -28.19 -20.05
C MET B 208 -7.24 -28.61 -20.29
N ALA B 209 -7.89 -27.97 -21.26
CA ALA B 209 -9.26 -28.30 -21.61
C ALA B 209 -9.24 -29.55 -22.48
N PRO B 210 -10.36 -30.31 -22.53
CA PRO B 210 -10.46 -31.53 -23.33
C PRO B 210 -9.93 -31.41 -24.76
N GLU B 211 -10.45 -30.45 -25.52
CA GLU B 211 -10.04 -30.26 -26.91
C GLU B 211 -8.55 -30.05 -27.05
N THR B 212 -7.92 -29.53 -25.99
CA THR B 212 -6.49 -29.27 -26.00
C THR B 212 -5.68 -30.56 -25.78
N ILE B 213 -6.00 -31.28 -24.72
CA ILE B 213 -5.30 -32.52 -24.41
C ILE B 213 -5.29 -33.46 -25.60
N PHE B 214 -6.45 -33.60 -26.24
CA PHE B 214 -6.60 -34.50 -27.39
C PHE B 214 -6.16 -33.92 -28.73
N ASP B 215 -6.42 -32.64 -28.95
CA ASP B 215 -6.10 -32.03 -30.24
C ASP B 215 -4.97 -31.00 -30.26
N ARG B 216 -4.36 -30.71 -29.11
CA ARG B 216 -3.26 -29.75 -29.03
C ARG B 216 -3.67 -28.36 -29.53
N VAL B 217 -4.96 -28.06 -29.40
CA VAL B 217 -5.53 -26.80 -29.82
C VAL B 217 -5.57 -25.79 -28.68
N TYR B 218 -4.66 -24.81 -28.71
CA TYR B 218 -4.64 -23.80 -27.66
C TYR B 218 -5.40 -22.57 -28.12
N THR B 219 -6.55 -22.33 -27.52
CA THR B 219 -7.37 -21.18 -27.89
C THR B 219 -7.61 -20.31 -26.68
N ILE B 220 -8.16 -19.12 -26.90
CA ILE B 220 -8.45 -18.23 -25.80
C ILE B 220 -9.58 -18.95 -25.05
N GLN B 221 -10.21 -19.92 -25.72
CA GLN B 221 -11.28 -20.70 -25.09
C GLN B 221 -10.73 -21.73 -24.11
N SER B 222 -9.61 -22.35 -24.48
CA SER B 222 -9.00 -23.34 -23.61
C SER B 222 -8.36 -22.66 -22.40
N ASP B 223 -7.98 -21.39 -22.56
CA ASP B 223 -7.41 -20.65 -21.44
C ASP B 223 -8.52 -20.46 -20.40
N VAL B 224 -9.76 -20.25 -20.87
CA VAL B 224 -10.89 -20.06 -19.98
C VAL B 224 -11.12 -21.29 -19.12
N TRP B 225 -10.95 -22.46 -19.72
CA TRP B 225 -11.10 -23.68 -18.96
C TRP B 225 -10.06 -23.63 -17.84
N SER B 226 -8.82 -23.32 -18.23
CA SER B 226 -7.74 -23.24 -17.27
C SER B 226 -8.07 -22.25 -16.16
N PHE B 227 -8.71 -21.14 -16.53
CA PHE B 227 -9.10 -20.12 -15.57
C PHE B 227 -10.03 -20.75 -14.54
N GLY B 228 -10.71 -21.82 -14.95
CA GLY B 228 -11.61 -22.51 -14.06
C GLY B 228 -10.82 -23.30 -13.04
N VAL B 229 -9.79 -23.99 -13.50
CA VAL B 229 -8.95 -24.75 -12.59
C VAL B 229 -8.31 -23.75 -11.62
N LEU B 230 -7.85 -22.62 -12.13
CA LEU B 230 -7.22 -21.60 -11.31
C LEU B 230 -8.18 -21.14 -10.20
N LEU B 231 -9.46 -20.93 -10.54
CA LEU B 231 -10.45 -20.54 -9.54
C LEU B 231 -10.55 -21.59 -8.45
N TRP B 232 -10.61 -22.86 -8.84
CA TRP B 232 -10.70 -23.95 -7.90
C TRP B 232 -9.48 -23.86 -6.95
N GLU B 233 -8.30 -23.67 -7.53
CA GLU B 233 -7.08 -23.53 -6.74
C GLU B 233 -7.20 -22.37 -5.76
N ILE B 234 -7.73 -21.25 -6.23
CA ILE B 234 -7.89 -20.08 -5.39
C ILE B 234 -8.86 -20.28 -4.25
N PHE B 235 -9.99 -20.94 -4.51
CA PHE B 235 -10.98 -21.17 -3.45
C PHE B 235 -10.82 -22.47 -2.69
N SER B 236 -9.64 -23.07 -2.83
CA SER B 236 -9.31 -24.30 -2.13
C SER B 236 -8.07 -23.88 -1.36
N LEU B 237 -7.73 -22.61 -1.52
CA LEU B 237 -6.55 -22.03 -0.89
C LEU B 237 -5.28 -22.78 -1.22
N GLY B 238 -5.04 -22.99 -2.51
CA GLY B 238 -3.83 -23.63 -2.97
C GLY B 238 -3.78 -25.14 -3.02
N ALA B 239 -4.92 -25.81 -2.98
CA ALA B 239 -4.90 -27.27 -3.05
C ALA B 239 -4.55 -27.64 -4.49
N SER B 240 -4.25 -28.91 -4.74
CA SER B 240 -3.91 -29.35 -6.09
C SER B 240 -5.15 -29.93 -6.76
N PRO B 241 -5.50 -29.45 -7.97
CA PRO B 241 -6.67 -29.94 -8.69
C PRO B 241 -6.77 -31.46 -8.80
N TYR B 242 -8.00 -31.96 -8.88
CA TYR B 242 -8.27 -33.39 -8.98
C TYR B 242 -7.51 -34.21 -7.94
N PRO B 243 -7.80 -33.97 -6.65
CA PRO B 243 -7.13 -34.69 -5.57
C PRO B 243 -7.26 -36.20 -5.64
N GLY B 244 -6.13 -36.88 -5.50
CA GLY B 244 -6.10 -38.33 -5.50
C GLY B 244 -6.46 -39.06 -6.78
N VAL B 245 -6.58 -38.34 -7.89
CA VAL B 245 -6.93 -38.98 -9.16
C VAL B 245 -5.69 -39.09 -10.02
N LYS B 246 -5.48 -40.27 -10.61
CA LYS B 246 -4.33 -40.46 -11.47
C LYS B 246 -4.60 -39.78 -12.82
N ILE B 247 -3.59 -39.09 -13.33
CA ILE B 247 -3.73 -38.40 -14.61
C ILE B 247 -3.32 -39.34 -15.74
N ASP B 248 -4.31 -40.01 -16.33
CA ASP B 248 -4.07 -40.96 -17.41
C ASP B 248 -5.22 -41.00 -18.41
N GLU B 249 -5.33 -42.14 -19.10
CA GLU B 249 -6.37 -42.36 -20.09
C GLU B 249 -7.78 -42.20 -19.53
N GLU B 250 -8.04 -42.84 -18.39
CA GLU B 250 -9.35 -42.76 -17.76
C GLU B 250 -9.73 -41.33 -17.36
N PHE B 251 -8.75 -40.59 -16.86
CA PHE B 251 -8.97 -39.21 -16.45
C PHE B 251 -9.61 -38.46 -17.62
N CYS B 252 -9.01 -38.61 -18.79
CA CYS B 252 -9.49 -37.95 -20.00
C CYS B 252 -10.87 -38.44 -20.42
N ARG B 253 -11.07 -39.75 -20.43
CA ARG B 253 -12.34 -40.34 -20.81
C ARG B 253 -13.46 -39.80 -19.93
N ARG B 254 -13.29 -39.94 -18.62
CA ARG B 254 -14.28 -39.49 -17.64
C ARG B 254 -14.49 -37.98 -17.70
N LEU B 255 -13.52 -37.27 -18.24
CA LEU B 255 -13.60 -35.81 -18.38
C LEU B 255 -14.50 -35.52 -19.58
N LYS B 256 -14.34 -36.30 -20.64
CA LYS B 256 -15.13 -36.15 -21.84
C LYS B 256 -16.57 -36.53 -21.53
N GLU B 257 -16.76 -37.40 -20.54
CA GLU B 257 -18.08 -37.84 -20.12
C GLU B 257 -18.81 -36.74 -19.36
N GLY B 258 -18.05 -35.76 -18.87
CA GLY B 258 -18.65 -34.66 -18.14
C GLY B 258 -18.28 -34.56 -16.67
N THR B 259 -17.38 -35.44 -16.21
CA THR B 259 -16.94 -35.44 -14.82
C THR B 259 -16.21 -34.14 -14.48
N ARG B 260 -16.56 -33.55 -13.33
CA ARG B 260 -15.96 -32.29 -12.90
C ARG B 260 -15.65 -32.28 -11.39
N MET B 261 -14.56 -31.61 -11.02
CA MET B 261 -14.17 -31.52 -9.60
C MET B 261 -15.33 -31.01 -8.75
N ARG B 262 -15.38 -31.46 -7.51
CA ARG B 262 -16.43 -31.02 -6.60
C ARG B 262 -16.05 -29.63 -6.10
N ALA B 263 -17.01 -28.92 -5.51
CA ALA B 263 -16.76 -27.58 -5.00
C ALA B 263 -15.68 -27.56 -3.92
N PRO B 264 -14.69 -26.67 -4.04
CA PRO B 264 -13.62 -26.58 -3.06
C PRO B 264 -14.12 -25.97 -1.73
N ASP B 265 -13.44 -26.31 -0.64
CA ASP B 265 -13.82 -25.86 0.70
C ASP B 265 -14.19 -24.40 0.95
N TYR B 266 -13.46 -23.45 0.34
CA TYR B 266 -13.76 -22.04 0.57
C TYR B 266 -14.50 -21.34 -0.56
N THR B 267 -15.10 -22.10 -1.45
CA THR B 267 -15.82 -21.46 -2.54
C THR B 267 -17.18 -20.97 -2.03
N THR B 268 -17.85 -20.21 -2.87
CA THR B 268 -19.18 -19.70 -2.58
C THR B 268 -20.00 -20.28 -3.72
N PRO B 269 -21.29 -20.53 -3.49
CA PRO B 269 -22.18 -21.09 -4.51
C PRO B 269 -22.01 -20.49 -5.91
N GLU B 270 -22.04 -19.16 -5.99
CA GLU B 270 -21.90 -18.47 -7.27
C GLU B 270 -20.59 -18.79 -7.98
N MET B 271 -19.50 -18.75 -7.23
CA MET B 271 -18.17 -19.00 -7.79
C MET B 271 -17.98 -20.43 -8.32
N TYR B 272 -18.58 -21.41 -7.64
CA TYR B 272 -18.45 -22.79 -8.09
C TYR B 272 -19.18 -22.98 -9.41
N GLN B 273 -20.28 -22.25 -9.58
CA GLN B 273 -21.06 -22.33 -10.80
C GLN B 273 -20.21 -21.74 -11.91
N THR B 274 -19.46 -20.70 -11.55
CA THR B 274 -18.60 -20.03 -12.51
C THR B 274 -17.52 -21.00 -13.00
N MET B 275 -17.00 -21.82 -12.10
CA MET B 275 -16.00 -22.80 -12.48
C MET B 275 -16.66 -23.74 -13.48
N LEU B 276 -17.86 -24.21 -13.15
CA LEU B 276 -18.61 -25.10 -14.02
C LEU B 276 -18.81 -24.50 -15.41
N ASP B 277 -19.21 -23.23 -15.46
CA ASP B 277 -19.40 -22.57 -16.74
C ASP B 277 -18.08 -22.57 -17.51
N CYS B 278 -16.99 -22.20 -16.84
CA CYS B 278 -15.69 -22.18 -17.48
C CYS B 278 -15.31 -23.56 -18.03
N TRP B 279 -15.86 -24.61 -17.42
CA TRP B 279 -15.54 -25.97 -17.82
C TRP B 279 -16.52 -26.62 -18.79
N HIS B 280 -17.29 -25.80 -19.50
CA HIS B 280 -18.26 -26.32 -20.46
C HIS B 280 -17.54 -27.17 -21.50
N GLY B 281 -18.13 -28.32 -21.81
CA GLY B 281 -17.55 -29.23 -22.78
C GLY B 281 -17.33 -28.58 -24.14
N GLU B 282 -18.20 -27.63 -24.48
CA GLU B 282 -18.11 -26.92 -25.75
C GLU B 282 -17.41 -25.58 -25.58
N PRO B 283 -16.25 -25.42 -26.23
CA PRO B 283 -15.46 -24.19 -26.17
C PRO B 283 -16.28 -22.92 -26.36
N SER B 284 -17.16 -22.93 -27.36
CA SER B 284 -17.99 -21.78 -27.65
C SER B 284 -19.06 -21.50 -26.60
N GLN B 285 -19.25 -22.44 -25.67
CA GLN B 285 -20.26 -22.28 -24.63
C GLN B 285 -19.70 -21.71 -23.31
N ARG B 286 -18.38 -21.67 -23.20
CA ARG B 286 -17.73 -21.15 -22.01
C ARG B 286 -17.78 -19.63 -22.09
N PRO B 287 -17.91 -18.96 -20.93
CA PRO B 287 -17.94 -17.51 -20.97
C PRO B 287 -16.62 -16.97 -21.51
N THR B 288 -16.63 -15.69 -21.88
CA THR B 288 -15.44 -15.02 -22.39
C THR B 288 -14.83 -14.31 -21.20
N PHE B 289 -13.58 -13.88 -21.35
CA PHE B 289 -12.94 -13.19 -20.25
C PHE B 289 -13.67 -11.88 -19.95
N SER B 290 -14.30 -11.31 -20.97
CA SER B 290 -15.04 -10.06 -20.77
C SER B 290 -16.26 -10.31 -19.88
N GLU B 291 -16.99 -11.39 -20.17
CA GLU B 291 -18.16 -11.75 -19.38
C GLU B 291 -17.70 -12.02 -17.96
N LEU B 292 -16.56 -12.70 -17.85
CA LEU B 292 -15.97 -13.05 -16.55
C LEU B 292 -15.61 -11.81 -15.74
N VAL B 293 -15.10 -10.78 -16.42
CA VAL B 293 -14.72 -9.54 -15.75
C VAL B 293 -15.97 -8.89 -15.16
N GLU B 294 -17.00 -8.76 -16.00
CA GLU B 294 -18.25 -8.16 -15.55
C GLU B 294 -18.82 -8.98 -14.39
N HIS B 295 -18.99 -10.27 -14.63
CA HIS B 295 -19.53 -11.15 -13.61
C HIS B 295 -18.81 -10.98 -12.28
N LEU B 296 -17.53 -11.36 -12.24
CA LEU B 296 -16.74 -11.24 -11.02
C LEU B 296 -16.79 -9.85 -10.41
N GLY B 297 -16.79 -8.82 -11.26
CA GLY B 297 -16.85 -7.46 -10.76
C GLY B 297 -18.12 -7.22 -9.96
N ASN B 298 -19.20 -7.89 -10.35
CA ASN B 298 -20.48 -7.75 -9.65
C ASN B 298 -20.44 -8.59 -8.37
N LEU B 299 -19.76 -9.73 -8.44
CA LEU B 299 -19.65 -10.61 -7.29
C LEU B 299 -18.78 -9.93 -6.24
N LEU B 300 -17.79 -9.19 -6.70
CA LEU B 300 -16.87 -8.48 -5.81
C LEU B 300 -17.59 -7.43 -4.98
N GLN B 301 -18.91 -7.38 -5.12
CA GLN B 301 -19.71 -6.43 -4.38
C GLN B 301 -20.75 -7.13 -3.50
N1 C19 C . 5.77 7.61 7.77
C2 C19 C . 6.40 8.77 7.42
C3 C19 C . 5.75 9.70 6.56
C4 C19 C . 4.43 9.40 6.03
N5 C19 C . 3.85 8.20 6.43
C6 C19 C . 4.52 7.38 7.25
C8 C19 C . 6.40 10.92 6.19
C9 C19 C . 5.75 11.83 5.32
C10 C19 C . 4.44 11.53 4.82
C11 C19 C . 3.79 10.33 5.18
N15 C19 C . 3.91 6.24 7.59
C16 C19 C . 6.42 13.09 4.94
C17 C19 C . 6.13 14.36 5.70
N18 C19 C . 6.80 15.53 5.34
C19 C19 C . 7.79 15.52 4.19
C20 C19 C . 8.03 14.37 3.51
C21 C19 C . 7.34 13.10 3.89
C22 C19 C . 7.77 11.92 3.04
O26 C19 C . 5.32 14.31 6.63
C27 C19 C . 6.59 16.71 6.04
C28 C19 C . 6.10 17.91 5.40
C29 C19 C . 5.90 19.10 6.17
C30 C19 C . 6.18 19.07 7.58
C31 C19 C . 6.65 17.90 8.17
C32 C19 C . 6.86 16.73 7.45
C36 C19 C . 6.05 20.19 8.61
C37 C19 C . 6.70 19.52 9.84
N38 C19 C . 6.85 18.11 9.48
C41 C19 C . 4.57 20.48 8.86
C45 C19 C . 6.82 21.44 8.19
N1 C19 D . 8.64 -11.89 -9.91
C2 C19 D . 8.72 -11.72 -11.27
C3 C19 D . 8.85 -12.85 -12.11
C4 C19 D . 8.91 -14.19 -11.54
N5 C19 D . 8.81 -14.29 -10.15
C6 C19 D . 8.68 -13.16 -9.42
C8 C19 D . 8.94 -12.67 -13.51
C9 C19 D . 9.07 -13.80 -14.38
C10 C19 D . 9.14 -15.13 -13.82
C11 C19 D . 9.05 -15.31 -12.41
N15 C19 D . 8.58 -13.29 -8.10
C16 C19 D . 9.15 -13.55 -15.84
C17 C19 D . 7.86 -13.64 -16.63
N18 C19 D . 7.89 -13.37 -18.00
C19 C19 D . 9.18 -13.02 -18.69
C20 C19 D . 10.33 -12.95 -17.96
C21 C19 D . 10.33 -13.22 -16.49
C22 C19 D . 11.70 -13.04 -15.85
O26 C19 D . 6.83 -13.93 -16.03
C27 C19 D . 6.70 -13.42 -18.70
C28 C19 D . 6.40 -14.45 -19.62
C29 C19 D . 5.15 -14.44 -20.32
C30 C19 D . 4.22 -13.39 -20.07
C31 C19 D . 4.53 -12.38 -19.16
C32 C19 D . 5.76 -12.36 -18.47
C36 C19 D . 2.84 -13.14 -20.66
C37 C19 D . 2.64 -11.65 -20.25
N38 C19 D . 3.52 -11.50 -19.11
C41 C19 D . 1.80 -14.05 -19.96
C45 C19 D . 2.83 -13.34 -22.18
#